data_3HXI
#
_entry.id   3HXI
#
_cell.length_a   45.311
_cell.length_b   125.330
_cell.length_c   37.330
_cell.angle_alpha   90.00
_cell.angle_beta   90.00
_cell.angle_gamma   90.00
#
_symmetry.space_group_name_H-M   'P 21 21 2'
#
loop_
_entity.id
_entity.type
_entity.pdbx_description
1 polymer 'Eukaryotic Translation Initiation 4E'
2 polymer 'Eukaryotic translation initiation factor 4E-binding protein 1'
3 non-polymer "7-METHYL-GUANOSINE-5'-TRIPHOSPHATE-5'-GUANOSINE"
4 water water
#
loop_
_entity_poly.entity_id
_entity_poly.type
_entity_poly.pdbx_seq_one_letter_code
_entity_poly.pdbx_strand_id
1 'polypeptide(L)'
;GPLGSPEFPHPLQDSWSYYLFQFRKALDWDECLEKVATFSTIEDFWSVLTHTVRPREITYGKDLYMFKSDIMPKWEDPKN
ENGGRWLINVTARQDVDFLWDELLMLLIGSDWDTDEEDRQICGAVFQPRSRGSKLSVWLTSDNEEETILSIGRRIKERLE
LEDTIYFQPVSDQRSQTRGSDICTGKYEI
;
A
2 'polypeptide(L)' SGSGRIIYDRKFLMECRNSPV C
#
loop_
_chem_comp.id
_chem_comp.type
_chem_comp.name
_chem_comp.formula
GTG non-polymer 7-METHYL-GUANOSINE-5'-TRIPHOSPHATE-5'-GUANOSINE 'C21 H30 N10 O18 P3 1'
#
# COMPACT_ATOMS: atom_id res chain seq x y z
N GLU A 7 -5.76 -28.33 -6.01
CA GLU A 7 -5.85 -26.87 -5.97
C GLU A 7 -5.80 -26.38 -4.54
N PHE A 8 -4.91 -26.95 -3.74
CA PHE A 8 -4.72 -26.49 -2.37
C PHE A 8 -4.25 -25.05 -2.45
N PRO A 9 -4.83 -24.15 -1.65
CA PRO A 9 -4.46 -22.73 -1.73
C PRO A 9 -2.98 -22.47 -1.40
N HIS A 10 -2.40 -21.43 -2.00
CA HIS A 10 -1.00 -21.07 -1.77
C HIS A 10 -0.94 -20.06 -0.63
N PRO A 11 -0.32 -20.44 0.51
CA PRO A 11 -0.33 -19.53 1.64
C PRO A 11 0.61 -18.36 1.44
N LEU A 12 0.21 -17.20 1.94
CA LEU A 12 1.09 -16.03 1.90
C LEU A 12 1.96 -15.94 3.14
N GLN A 13 3.10 -15.27 2.98
CA GLN A 13 3.95 -14.86 4.11
C GLN A 13 3.16 -14.20 5.23
N ASP A 14 2.20 -13.34 4.87
CA ASP A 14 1.35 -12.68 5.86
C ASP A 14 -0.12 -12.74 5.53
N SER A 15 -0.93 -12.63 6.58
CA SER A 15 -2.35 -12.34 6.44
CA SER A 15 -2.35 -12.34 6.44
C SER A 15 -2.53 -10.83 6.28
N TRP A 16 -3.44 -10.45 5.39
CA TRP A 16 -3.71 -9.05 5.06
C TRP A 16 -5.18 -8.74 5.20
N SER A 17 -5.48 -7.50 5.56
CA SER A 17 -6.87 -7.03 5.57
C SER A 17 -7.05 -5.85 4.62
N TYR A 18 -8.23 -5.78 4.02
CA TYR A 18 -8.51 -4.82 2.97
C TYR A 18 -9.65 -3.92 3.44
N TYR A 19 -9.45 -2.62 3.32
CA TYR A 19 -10.41 -1.66 3.83
C TYR A 19 -10.79 -0.65 2.79
N LEU A 20 -12.03 -0.16 2.89
CA LEU A 20 -12.51 0.99 2.14
C LEU A 20 -12.70 2.16 3.05
N PHE A 21 -12.16 3.30 2.65
CA PHE A 21 -12.43 4.56 3.33
C PHE A 21 -13.55 5.29 2.58
N GLN A 22 -14.69 5.50 3.23
CA GLN A 22 -15.77 6.25 2.59
C GLN A 22 -16.26 7.35 3.50
N PHE A 23 -16.07 8.60 3.08
CA PHE A 23 -16.45 9.72 3.92
C PHE A 23 -17.96 9.88 3.98
N ARG A 24 -18.48 9.97 5.20
CA ARG A 24 -19.83 10.47 5.42
C ARG A 24 -19.76 11.54 6.50
N LYS A 25 -20.65 12.53 6.37
CA LYS A 25 -20.76 13.65 7.29
C LYS A 25 -20.93 13.19 8.72
N ALA A 26 -20.24 13.86 9.64
CA ALA A 26 -20.41 13.60 11.07
C ALA A 26 -19.88 12.23 11.51
N LEU A 27 -18.95 11.67 10.74
CA LEU A 27 -18.20 10.51 11.23
C LEU A 27 -16.75 10.93 11.45
N ASP A 28 -16.13 10.41 12.51
CA ASP A 28 -14.70 10.62 12.73
C ASP A 28 -13.95 9.92 11.59
N TRP A 29 -12.72 10.36 11.34
CA TRP A 29 -11.92 9.78 10.26
C TRP A 29 -11.88 8.24 10.32
N ASP A 30 -11.56 7.69 11.49
CA ASP A 30 -11.39 6.24 11.58
C ASP A 30 -12.71 5.47 11.42
N GLU A 31 -13.83 6.15 11.69
CA GLU A 31 -15.16 5.56 11.54
C GLU A 31 -15.57 5.44 10.08
N CYS A 32 -14.84 6.12 9.20
CA CYS A 32 -15.11 6.05 7.77
C CYS A 32 -14.44 4.86 7.12
N LEU A 33 -13.60 4.18 7.87
CA LEU A 33 -12.90 2.96 7.44
C LEU A 33 -13.74 1.74 7.70
N GLU A 34 -13.77 0.82 6.75
CA GLU A 34 -14.44 -0.47 7.04
C GLU A 34 -13.69 -1.62 6.42
N LYS A 35 -13.57 -2.71 7.18
CA LYS A 35 -12.82 -3.87 6.75
C LYS A 35 -13.70 -4.74 5.87
N VAL A 36 -13.34 -4.88 4.62
CA VAL A 36 -14.16 -5.65 3.67
C VAL A 36 -13.62 -7.06 3.38
N ALA A 37 -12.38 -7.33 3.80
CA ALA A 37 -11.79 -8.68 3.68
C ALA A 37 -10.50 -8.85 4.45
N THR A 38 -10.25 -10.10 4.87
CA THR A 38 -8.97 -10.54 5.42
C THR A 38 -8.62 -11.80 4.62
N PHE A 39 -7.40 -11.85 4.08
CA PHE A 39 -6.99 -12.98 3.23
C PHE A 39 -5.57 -13.44 3.56
N SER A 40 -5.23 -14.67 3.20
CA SER A 40 -3.96 -15.23 3.60
C SER A 40 -3.43 -16.20 2.55
N THR A 41 -4.08 -16.21 1.39
CA THR A 41 -3.69 -17.08 0.27
C THR A 41 -3.67 -16.25 -1.01
N ILE A 42 -2.87 -16.67 -1.99
CA ILE A 42 -2.90 -16.03 -3.33
C ILE A 42 -4.32 -16.03 -3.87
N GLU A 43 -5.00 -17.16 -3.71
CA GLU A 43 -6.34 -17.31 -4.27
C GLU A 43 -7.33 -16.29 -3.71
N ASP A 44 -7.27 -16.07 -2.41
CA ASP A 44 -8.18 -15.14 -1.74
C ASP A 44 -7.76 -13.68 -1.98
N PHE A 45 -6.46 -13.44 -2.12
CA PHE A 45 -5.97 -12.13 -2.58
C PHE A 45 -6.65 -11.69 -3.89
N TRP A 46 -6.55 -12.55 -4.92
CA TRP A 46 -7.15 -12.22 -6.20
C TRP A 46 -8.69 -12.12 -6.14
N SER A 47 -9.33 -12.92 -5.29
CA SER A 47 -10.79 -12.88 -5.15
CA SER A 47 -10.78 -12.88 -5.13
C SER A 47 -11.27 -11.54 -4.55
N VAL A 48 -10.52 -11.02 -3.59
CA VAL A 48 -10.79 -9.69 -3.04
C VAL A 48 -10.79 -8.65 -4.16
N LEU A 49 -9.74 -8.65 -4.99
CA LEU A 49 -9.62 -7.64 -6.05
C LEU A 49 -10.74 -7.79 -7.09
N THR A 50 -11.10 -9.03 -7.42
CA THR A 50 -12.19 -9.31 -8.38
C THR A 50 -13.59 -8.93 -7.87
N HIS A 51 -13.73 -8.75 -6.55
CA HIS A 51 -15.03 -8.49 -5.94
C HIS A 51 -15.16 -7.13 -5.29
N THR A 52 -14.19 -6.25 -5.56
CA THR A 52 -14.23 -4.89 -5.04
C THR A 52 -13.90 -3.96 -6.19
N VAL A 53 -14.18 -2.67 -6.01
CA VAL A 53 -14.08 -1.70 -7.09
C VAL A 53 -12.64 -1.57 -7.62
N ARG A 54 -12.47 -1.49 -8.95
CA ARG A 54 -11.14 -1.25 -9.54
C ARG A 54 -10.69 0.20 -9.31
N PRO A 55 -9.37 0.42 -9.07
CA PRO A 55 -8.90 1.81 -8.92
C PRO A 55 -9.40 2.79 -10.01
N ARG A 56 -9.49 2.34 -11.26
CA ARG A 56 -9.87 3.27 -12.32
C ARG A 56 -11.35 3.65 -12.27
N GLU A 57 -12.14 2.88 -11.53
CA GLU A 57 -13.60 3.13 -11.42
C GLU A 57 -14.03 3.89 -10.16
N ILE A 58 -13.15 3.94 -9.16
CA ILE A 58 -13.47 4.52 -7.84
C ILE A 58 -13.75 6.00 -7.92
N THR A 59 -14.70 6.45 -7.09
CA THR A 59 -15.07 7.84 -7.00
C THR A 59 -14.03 8.62 -6.16
N TYR A 60 -13.76 9.87 -6.51
CA TYR A 60 -12.75 10.66 -5.81
C TYR A 60 -12.99 10.71 -4.31
N GLY A 61 -11.91 10.61 -3.55
CA GLY A 61 -11.95 10.70 -2.08
C GLY A 61 -12.33 9.41 -1.37
N LYS A 62 -12.64 8.35 -2.13
CA LYS A 62 -12.90 7.00 -1.57
C LYS A 62 -11.62 6.20 -1.73
N ASP A 63 -11.06 5.73 -0.62
CA ASP A 63 -9.71 5.22 -0.63
C ASP A 63 -9.68 3.72 -0.33
N LEU A 64 -8.60 3.05 -0.76
CA LEU A 64 -8.37 1.64 -0.52
C LEU A 64 -7.12 1.49 0.34
N TYR A 65 -7.23 0.67 1.39
CA TYR A 65 -6.12 0.40 2.32
C TYR A 65 -5.89 -1.10 2.39
N MET A 66 -4.65 -1.54 2.21
CA MET A 66 -4.33 -2.97 2.43
C MET A 66 -3.17 -3.09 3.42
N PHE A 67 -3.46 -3.68 4.58
CA PHE A 67 -2.51 -3.75 5.69
C PHE A 67 -2.36 -5.16 6.26
N LYS A 68 -1.17 -5.50 6.73
CA LYS A 68 -0.99 -6.77 7.45
C LYS A 68 -2.06 -6.79 8.53
N SER A 69 -2.75 -7.93 8.66
CA SER A 69 -3.98 -8.03 9.45
CA SER A 69 -3.98 -8.00 9.44
C SER A 69 -3.88 -7.52 10.89
N ASP A 70 -2.71 -7.66 11.50
CA ASP A 70 -2.54 -7.20 12.90
C ASP A 70 -2.35 -5.69 13.04
N ILE A 71 -2.27 -5.00 11.91
CA ILE A 71 -1.98 -3.57 11.88
C ILE A 71 -3.20 -2.80 11.41
N MET A 72 -3.74 -1.96 12.28
CA MET A 72 -4.84 -1.09 11.90
C MET A 72 -4.33 -0.06 10.89
N PRO A 73 -5.15 0.25 9.88
CA PRO A 73 -4.71 1.20 8.86
C PRO A 73 -4.84 2.66 9.30
N LYS A 74 -4.10 3.04 10.35
CA LYS A 74 -4.15 4.41 10.83
C LYS A 74 -2.88 4.73 11.60
N TRP A 75 -2.55 6.01 11.69
CA TRP A 75 -1.28 6.43 12.27
C TRP A 75 -1.17 5.93 13.70
N GLU A 76 -2.33 5.83 14.35
CA GLU A 76 -2.41 5.54 15.79
C GLU A 76 -1.91 4.15 16.22
N ASP A 77 -1.85 3.21 15.26
CA ASP A 77 -1.31 1.86 15.50
C ASP A 77 0.16 1.88 15.88
N PRO A 78 0.55 1.05 16.89
CA PRO A 78 1.94 1.02 17.39
C PRO A 78 2.93 0.77 16.27
N LYS A 79 2.52 -0.04 15.30
CA LYS A 79 3.38 -0.35 14.15
C LYS A 79 3.47 0.79 13.13
N ASN A 80 2.55 1.74 13.19
CA ASN A 80 2.59 2.92 12.30
C ASN A 80 3.07 4.21 12.95
N GLU A 81 2.89 4.35 14.26
CA GLU A 81 3.06 5.67 14.90
C GLU A 81 4.47 6.29 14.76
N ASN A 82 5.49 5.45 14.66
CA ASN A 82 6.86 5.90 14.49
C ASN A 82 7.40 5.65 13.10
N GLY A 83 6.47 5.42 12.18
CA GLY A 83 6.80 5.10 10.80
C GLY A 83 6.70 6.24 9.79
N GLY A 84 6.51 5.85 8.55
CA GLY A 84 6.39 6.83 7.49
C GLY A 84 5.98 6.11 6.22
N ARG A 85 5.64 6.91 5.21
CA ARG A 85 5.16 6.35 3.94
C ARG A 85 6.01 6.78 2.77
N TRP A 86 6.22 5.85 1.83
CA TRP A 86 6.65 6.22 0.48
C TRP A 86 5.42 6.74 -0.24
N LEU A 87 5.48 7.99 -0.72
CA LEU A 87 4.36 8.62 -1.42
C LEU A 87 4.61 8.69 -2.93
N ILE A 88 3.63 8.21 -3.69
CA ILE A 88 3.74 8.16 -5.16
C ILE A 88 2.65 9.06 -5.73
N ASN A 89 3.06 10.09 -6.47
CA ASN A 89 2.11 10.98 -7.12
C ASN A 89 1.84 10.48 -8.52
N VAL A 90 0.61 10.08 -8.74
CA VAL A 90 0.18 9.49 -10.00
C VAL A 90 0.11 10.57 -11.06
N THR A 91 0.65 10.26 -12.24
CA THR A 91 0.55 11.15 -13.39
C THR A 91 -0.61 10.75 -14.33
N ALA A 92 -1.05 11.72 -15.14
CA ALA A 92 -2.17 11.49 -16.05
C ALA A 92 -1.98 10.29 -16.98
N ARG A 93 -0.75 10.00 -17.39
CA ARG A 93 -0.53 8.91 -18.35
C ARG A 93 -0.57 7.52 -17.73
N GLN A 94 -0.46 7.44 -16.40
CA GLN A 94 -0.33 6.13 -15.73
C GLN A 94 -1.67 5.44 -15.50
N ASP A 95 -1.71 4.11 -15.65
CA ASP A 95 -2.91 3.34 -15.34
C ASP A 95 -2.91 2.99 -13.84
N VAL A 96 -3.89 3.46 -13.10
CA VAL A 96 -3.93 3.22 -11.63
C VAL A 96 -4.24 1.76 -11.31
N ASP A 97 -4.93 1.07 -12.23
CA ASP A 97 -5.19 -0.37 -12.06
C ASP A 97 -3.87 -1.15 -12.04
N PHE A 98 -2.98 -0.85 -13.00
CA PHE A 98 -1.62 -1.44 -13.09
C PHE A 98 -0.82 -1.09 -11.82
N LEU A 99 -0.80 0.19 -11.47
CA LEU A 99 -0.02 0.63 -10.29
C LEU A 99 -0.46 -0.11 -9.03
N TRP A 100 -1.76 -0.16 -8.80
CA TRP A 100 -2.30 -0.84 -7.60
C TRP A 100 -2.04 -2.32 -7.63
N ASP A 101 -2.35 -2.99 -8.74
CA ASP A 101 -2.09 -4.43 -8.84
C ASP A 101 -0.60 -4.79 -8.68
N GLU A 102 0.30 -4.03 -9.32
CA GLU A 102 1.74 -4.30 -9.18
C GLU A 102 2.19 -4.08 -7.74
N LEU A 103 1.68 -3.02 -7.14
CA LEU A 103 2.05 -2.69 -5.78
C LEU A 103 1.63 -3.80 -4.82
N LEU A 104 0.38 -4.23 -4.93
CA LEU A 104 -0.15 -5.26 -4.05
C LEU A 104 0.52 -6.60 -4.27
N MET A 105 0.84 -6.92 -5.53
CA MET A 105 1.60 -8.14 -5.83
C MET A 105 2.96 -8.12 -5.12
N LEU A 106 3.66 -6.99 -5.20
CA LEU A 106 4.96 -6.83 -4.56
C LEU A 106 4.82 -7.06 -3.05
N LEU A 107 3.78 -6.49 -2.45
CA LEU A 107 3.56 -6.62 -1.00
C LEU A 107 3.14 -8.03 -0.58
N ILE A 108 2.08 -8.57 -1.17
CA ILE A 108 1.53 -9.86 -0.71
C ILE A 108 2.47 -11.01 -1.10
N GLY A 109 3.17 -10.85 -2.22
CA GLY A 109 4.15 -11.85 -2.65
C GLY A 109 5.46 -11.72 -1.88
N SER A 110 5.58 -10.67 -1.06
CA SER A 110 6.80 -10.34 -0.31
C SER A 110 8.04 -10.39 -1.20
N ASP A 111 7.98 -9.74 -2.36
CA ASP A 111 9.05 -9.87 -3.36
C ASP A 111 10.16 -8.84 -3.15
N TRP A 112 10.65 -8.79 -1.90
CA TRP A 112 11.74 -7.92 -1.48
C TRP A 112 12.96 -8.80 -1.41
N ASP A 113 14.14 -8.22 -1.59
CA ASP A 113 15.38 -8.99 -1.54
C ASP A 113 15.61 -9.67 -0.18
N THR A 114 15.29 -8.97 0.91
CA THR A 114 15.66 -9.39 2.26
C THR A 114 14.48 -9.49 3.22
N ASP A 115 14.58 -10.38 4.21
CA ASP A 115 13.58 -10.51 5.27
C ASP A 115 13.33 -9.18 5.95
N GLU A 116 14.41 -8.42 6.15
CA GLU A 116 14.36 -7.15 6.85
C GLU A 116 13.45 -6.11 6.16
N GLU A 117 13.47 -6.08 4.84
CA GLU A 117 12.56 -5.18 4.11
C GLU A 117 11.11 -5.55 4.34
N ASP A 118 10.80 -6.85 4.31
CA ASP A 118 9.44 -7.31 4.55
C ASP A 118 8.96 -6.92 5.94
N ARG A 119 9.87 -7.00 6.91
CA ARG A 119 9.57 -6.61 8.29
C ARG A 119 9.15 -5.14 8.42
N GLN A 120 9.64 -4.29 7.51
CA GLN A 120 9.33 -2.86 7.57
C GLN A 120 7.91 -2.60 7.09
N ILE A 121 7.37 -3.51 6.29
CA ILE A 121 6.12 -3.24 5.58
C ILE A 121 4.91 -3.29 6.51
N CYS A 122 4.12 -2.22 6.47
CA CYS A 122 2.84 -2.19 7.16
C CYS A 122 1.68 -2.37 6.20
N GLY A 123 1.64 -1.57 5.14
CA GLY A 123 0.52 -1.65 4.21
C GLY A 123 0.62 -0.68 3.04
N ALA A 124 -0.40 -0.69 2.19
CA ALA A 124 -0.47 0.14 1.00
C ALA A 124 -1.81 0.89 0.94
N VAL A 125 -1.82 2.04 0.28
CA VAL A 125 -2.99 2.92 0.24
C VAL A 125 -3.14 3.50 -1.17
N PHE A 126 -4.35 3.43 -1.71
CA PHE A 126 -4.69 4.12 -2.94
C PHE A 126 -5.70 5.22 -2.67
N GLN A 127 -5.36 6.43 -3.11
CA GLN A 127 -6.20 7.62 -2.86
C GLN A 127 -6.48 8.34 -4.18
N PRO A 128 -7.67 8.11 -4.75
CA PRO A 128 -8.03 8.84 -5.97
C PRO A 128 -8.43 10.29 -5.63
N ARG A 129 -7.83 11.24 -6.33
CA ARG A 129 -8.10 12.64 -6.10
C ARG A 129 -8.17 13.36 -7.43
N SER A 130 -9.07 14.35 -7.49
CA SER A 130 -9.20 15.26 -8.63
C SER A 130 -7.90 15.96 -9.03
N ARG A 131 -7.14 16.40 -8.05
CA ARG A 131 -5.95 17.21 -8.26
C ARG A 131 -4.73 16.34 -8.60
N GLY A 132 -4.86 15.04 -8.42
CA GLY A 132 -3.77 14.10 -8.65
C GLY A 132 -3.84 13.02 -7.58
N SER A 133 -3.95 11.78 -8.04
CA SER A 133 -4.14 10.62 -7.16
C SER A 133 -2.80 10.25 -6.52
N LYS A 134 -2.86 9.44 -5.46
CA LYS A 134 -1.67 9.10 -4.69
C LYS A 134 -1.70 7.63 -4.35
N LEU A 135 -0.55 6.97 -4.44
CA LEU A 135 -0.39 5.63 -3.89
C LEU A 135 0.69 5.76 -2.82
N SER A 136 0.58 4.99 -1.76
CA SER A 136 1.51 5.09 -0.64
C SER A 136 1.82 3.68 -0.15
N VAL A 137 3.03 3.49 0.38
CA VAL A 137 3.34 2.30 1.14
C VAL A 137 3.82 2.77 2.50
N TRP A 138 3.16 2.27 3.54
CA TRP A 138 3.45 2.63 4.92
C TRP A 138 4.45 1.65 5.50
N LEU A 139 5.46 2.18 6.17
CA LEU A 139 6.60 1.45 6.72
C LEU A 139 6.62 1.66 8.24
N THR A 140 7.18 0.71 8.97
CA THR A 140 7.08 0.75 10.43
C THR A 140 8.03 1.72 11.14
N SER A 141 9.14 2.07 10.49
CA SER A 141 10.08 3.05 11.02
C SER A 141 10.23 4.25 10.09
N ASP A 142 10.90 5.30 10.56
CA ASP A 142 11.20 6.47 9.71
C ASP A 142 12.69 6.73 9.62
N ASN A 143 13.49 5.81 10.17
CA ASN A 143 14.91 6.07 10.34
C ASN A 143 15.82 4.88 10.08
N GLU A 144 15.26 3.76 9.59
CA GLU A 144 16.07 2.69 9.01
C GLU A 144 16.42 3.00 7.54
N GLU A 145 17.31 3.99 7.36
CA GLU A 145 17.59 4.59 6.05
C GLU A 145 17.83 3.57 4.94
N GLU A 146 18.75 2.66 5.19
CA GLU A 146 19.18 1.73 4.17
C GLU A 146 18.04 0.83 3.69
N THR A 147 17.25 0.29 4.62
CA THR A 147 16.11 -0.59 4.31
C THR A 147 14.98 0.22 3.64
N ILE A 148 14.67 1.38 4.21
CA ILE A 148 13.65 2.27 3.65
C ILE A 148 13.99 2.59 2.19
N LEU A 149 15.24 2.97 1.92
CA LEU A 149 15.70 3.25 0.55
C LEU A 149 15.66 2.06 -0.41
N SER A 150 16.08 0.87 0.02
CA SER A 150 15.93 -0.31 -0.87
C SER A 150 14.45 -0.65 -1.17
N ILE A 151 13.57 -0.38 -0.21
CA ILE A 151 12.12 -0.58 -0.43
C ILE A 151 11.63 0.41 -1.47
N GLY A 152 12.03 1.67 -1.30
CA GLY A 152 11.64 2.71 -2.24
C GLY A 152 12.12 2.39 -3.65
N ARG A 153 13.37 1.91 -3.75
CA ARG A 153 13.95 1.55 -5.04
CA ARG A 153 13.98 1.51 -5.02
C ARG A 153 13.17 0.42 -5.71
N ARG A 154 12.82 -0.61 -4.94
CA ARG A 154 12.05 -1.75 -5.45
C ARG A 154 10.63 -1.36 -5.90
N ILE A 155 9.99 -0.46 -5.14
CA ILE A 155 8.66 0.06 -5.52
C ILE A 155 8.74 0.73 -6.89
N LYS A 156 9.76 1.56 -7.10
CA LYS A 156 9.89 2.31 -8.36
C LYS A 156 10.09 1.34 -9.51
N GLU A 157 10.88 0.30 -9.27
CA GLU A 157 11.14 -0.72 -10.30
C GLU A 157 9.85 -1.41 -10.68
N ARG A 158 9.14 -1.90 -9.67
CA ARG A 158 7.96 -2.72 -9.94
C ARG A 158 6.83 -1.92 -10.53
N LEU A 159 6.71 -0.66 -10.11
CA LEU A 159 5.66 0.23 -10.61
C LEU A 159 6.07 1.01 -11.86
N GLU A 160 7.33 0.83 -12.28
CA GLU A 160 7.88 1.46 -13.48
C GLU A 160 7.70 2.99 -13.38
N LEU A 161 8.05 3.52 -12.21
CA LEU A 161 7.88 4.94 -11.92
C LEU A 161 9.05 5.77 -12.41
N GLU A 162 8.71 6.96 -12.91
CA GLU A 162 9.72 7.86 -13.42
C GLU A 162 9.93 9.06 -12.50
N ASP A 163 8.83 9.62 -12.00
CA ASP A 163 8.90 10.78 -11.14
C ASP A 163 9.41 10.40 -9.76
N THR A 164 9.97 11.40 -9.08
CA THR A 164 10.50 11.25 -7.73
C THR A 164 9.43 10.79 -6.76
N ILE A 165 9.79 9.81 -5.94
CA ILE A 165 8.94 9.40 -4.81
C ILE A 165 9.52 9.92 -3.48
N TYR A 166 8.64 10.14 -2.52
CA TYR A 166 8.94 10.89 -1.29
C TYR A 166 8.65 10.07 -0.04
N PHE A 167 9.61 10.01 0.88
CA PHE A 167 9.38 9.32 2.16
C PHE A 167 9.06 10.33 3.28
N GLN A 168 7.84 10.22 3.80
CA GLN A 168 7.28 11.20 4.73
C GLN A 168 6.94 10.50 6.03
N PRO A 169 7.68 10.85 7.10
CA PRO A 169 7.38 10.32 8.41
C PRO A 169 5.97 10.72 8.81
N VAL A 170 5.35 9.89 9.66
CA VAL A 170 4.02 10.16 10.21
C VAL A 170 3.90 11.58 10.79
N SER A 171 4.91 12.03 11.52
CA SER A 171 4.88 13.39 12.09
C SER A 171 4.57 14.45 11.01
N ASP A 172 5.25 14.33 9.87
CA ASP A 172 5.03 15.23 8.73
C ASP A 172 3.65 15.05 8.11
N GLN A 173 3.15 13.81 8.06
CA GLN A 173 1.80 13.53 7.56
C GLN A 173 0.75 14.19 8.46
N ARG A 174 0.90 14.05 9.77
CA ARG A 174 -0.01 14.64 10.74
C ARG A 174 -0.16 16.14 10.55
N SER A 175 0.96 16.80 10.28
CA SER A 175 1.03 18.26 10.28
C SER A 175 0.74 18.86 8.90
N GLN A 176 0.58 18.00 7.89
CA GLN A 176 0.29 18.42 6.51
C GLN A 176 -1.12 19.01 6.38
N THR A 177 -1.23 20.13 5.68
CA THR A 177 -2.51 20.82 5.53
C THR A 177 -3.16 20.32 4.27
N ARG A 178 -4.44 19.97 4.36
CA ARG A 178 -5.20 19.60 3.17
C ARG A 178 -5.16 20.80 2.20
N GLY A 179 -4.86 20.54 0.93
CA GLY A 179 -4.80 21.62 -0.06
C GLY A 179 -3.45 22.28 -0.33
N SER A 180 -2.46 22.01 0.53
CA SER A 180 -1.09 22.49 0.26
C SER A 180 -0.54 21.74 -0.94
N ASP A 181 0.08 22.49 -1.86
CA ASP A 181 0.88 21.92 -2.94
C ASP A 181 2.34 21.88 -2.48
N CYS A 183 5.65 19.46 -1.91
CA CYS A 183 5.78 18.01 -1.78
C CYS A 183 7.26 17.57 -1.70
N THR A 184 7.64 17.15 -0.50
CA THR A 184 9.02 16.82 -0.20
C THR A 184 9.05 15.61 0.71
N GLY A 185 10.24 15.08 0.97
CA GLY A 185 10.36 13.99 1.90
C GLY A 185 11.70 13.97 2.62
N LYS A 186 11.70 13.29 3.76
CA LYS A 186 12.92 12.95 4.48
C LYS A 186 13.92 12.25 3.57
N TYR A 187 13.42 11.37 2.71
CA TYR A 187 14.21 10.71 1.68
C TYR A 187 13.46 10.88 0.37
N GLU A 188 14.18 10.88 -0.73
CA GLU A 188 13.59 11.00 -2.05
C GLU A 188 14.34 10.14 -3.05
N ILE A 189 13.63 9.48 -3.95
CA ILE A 189 14.32 8.75 -5.01
C ILE A 189 13.50 8.60 -6.27
N GLY B 4 11.70 -19.46 6.97
CA GLY B 4 11.75 -19.24 5.51
C GLY B 4 10.60 -18.34 5.05
N ARG B 5 10.95 -17.13 4.64
CA ARG B 5 9.95 -16.18 4.13
C ARG B 5 9.34 -16.72 2.83
N ILE B 6 8.01 -16.66 2.71
CA ILE B 6 7.27 -17.11 1.55
C ILE B 6 7.23 -15.99 0.49
N ILE B 7 7.83 -16.27 -0.66
CA ILE B 7 8.02 -15.28 -1.71
C ILE B 7 7.43 -15.78 -3.02
N TYR B 8 6.62 -14.93 -3.65
CA TYR B 8 6.07 -15.21 -4.97
C TYR B 8 6.33 -14.01 -5.87
N ASP B 9 6.91 -14.25 -7.05
CA ASP B 9 7.12 -13.15 -8.00
C ASP B 9 5.85 -12.85 -8.79
N ARG B 10 5.84 -11.73 -9.52
CA ARG B 10 4.63 -11.33 -10.22
C ARG B 10 4.20 -12.31 -11.31
N LYS B 11 5.16 -12.98 -11.94
CA LYS B 11 4.84 -13.95 -13.00
C LYS B 11 3.97 -15.05 -12.41
N PHE B 12 4.40 -15.59 -11.28
CA PHE B 12 3.63 -16.66 -10.66
C PHE B 12 2.26 -16.17 -10.17
N LEU B 13 2.24 -15.02 -9.50
CA LEU B 13 0.97 -14.49 -8.99
C LEU B 13 -0.04 -14.32 -10.12
N MET B 14 0.42 -13.79 -11.26
CA MET B 14 -0.47 -13.52 -12.39
CA MET B 14 -0.51 -13.53 -12.36
C MET B 14 -0.97 -14.80 -13.03
N GLU B 15 -0.10 -15.82 -13.06
CA GLU B 15 -0.49 -17.14 -13.57
C GLU B 15 -1.62 -17.70 -12.73
N CYS B 16 -1.54 -17.47 -11.42
CA CYS B 16 -2.63 -17.86 -10.52
C CYS B 16 -3.90 -17.03 -10.77
N ARG B 17 -3.77 -15.75 -11.14
CA ARG B 17 -4.92 -14.87 -11.42
C ARG B 17 -5.77 -15.39 -12.57
PA GTG C . -5.66 12.49 3.33
O1A GTG C . -6.96 11.93 2.81
O2A GTG C . -4.38 11.67 3.34
O3A GTG C . -5.30 13.90 2.65
PB GTG C . -5.92 14.61 1.38
O1B GTG C . -5.91 13.71 0.18
O2B GTG C . -5.23 15.97 1.30
O3B GTG C . -7.42 14.88 1.90
N9A GTG C . -6.22 11.28 8.52
C8A GTG C . -5.58 10.66 7.53
N7A GTG C . -4.98 9.56 8.03
C7X GTG C . -4.16 8.61 7.21
C5A GTG C . -5.25 9.50 9.34
C6A GTG C . -4.89 8.59 10.33
O6A GTG C . -4.17 7.58 10.10
N1A GTG C . -5.30 8.82 11.59
C2A GTG C . -6.10 9.92 11.86
N2A GTG C . -6.53 10.17 13.11
N3A GTG C . -6.46 10.79 10.90
C4A GTG C . -6.04 10.58 9.64
O5D GTG C . -5.91 12.89 4.84
C5D GTG C . -6.96 13.81 5.13
C4D GTG C . -7.10 13.94 6.63
O4D GTG C . -7.57 12.71 7.15
C3D GTG C . -5.80 14.21 7.35
O3D GTG C . -5.47 15.60 7.31
C2D GTG C . -6.11 13.73 8.74
O2D GTG C . -6.86 14.72 9.46
C1D GTG C . -7.02 12.53 8.46
PG GTG C . -8.67 15.42 1.06
O1G GTG C . -8.52 15.21 -0.42
O2G GTG C . -9.05 16.79 1.57
O5E GTG C . -9.79 14.40 1.58
C5E GTG C . -9.77 13.03 1.17
C4E GTG C . -10.99 12.31 1.73
O4E GTG C . -10.90 12.30 3.15
C3E GTG C . -12.29 13.00 1.41
O3E GTG C . -13.31 11.99 1.38
C2E GTG C . -12.56 13.91 2.60
O2E GTG C . -13.94 14.20 2.80
C1E GTG C . -12.00 13.03 3.72
N9B GTG C . -11.48 13.71 4.92
C8B GTG C . -10.38 14.61 4.67
N7B GTG C . -10.08 15.06 6.04
C5B GTG C . -10.92 14.41 6.90
C6B GTG C . -11.09 14.43 8.36
O6B GTG C . -10.32 15.19 9.03
N1B GTG C . -12.06 13.65 8.91
C2B GTG C . -12.88 12.85 8.14
N2B GTG C . -13.83 12.07 8.71
N3B GTG C . -12.77 12.78 6.80
C4B GTG C . -11.83 13.51 6.16
#